data_5IYT
#
_entry.id   5IYT
#
_cell.length_a   57.460
_cell.length_b   52.330
_cell.length_c   62.270
_cell.angle_alpha   90.00
_cell.angle_beta   103.73
_cell.angle_gamma   90.00
#
_symmetry.space_group_name_H-M   'P 1 21 1'
#
loop_
_entity.id
_entity.type
_entity.pdbx_description
1 polymer 'EV-B93 main protease 3C'
2 non-polymer 'N-Ethyl 4-((1-cycloheptyl-1,2-dihydropyrazol-3-one-5-yl)-amino)-4-oxo-butanamide'
3 water water
#
_entity_poly.entity_id   1
_entity_poly.type   'polypeptide(L)'
_entity_poly.pdbx_seq_one_letter_code
;MKGPAFEFAVAMMKRNASTVKTEYGEFTMLGIYDRWAVLPRHAKPGPTILMNDQEVGVLDAKELVDKDGTNLELTLLKLN
RNEKFRDIRGFLAREEVEVNEAVLAINTSKFPNMYIPVGQVTDYGFLNLGGTPTKRMLVYNFPTRAGQCGGVLMSTGKVL
GIHVGGNGHQGFSAALLRHYFNEEQHHHHHH
;
_entity_poly.pdbx_strand_id   A,B
#
# COMPACT_ATOMS: atom_id res chain seq x y z
N MET A 1 13.90 12.11 -1.24
CA MET A 1 12.90 11.52 -2.18
C MET A 1 12.47 10.13 -1.71
N LYS A 2 11.38 9.61 -2.30
CA LYS A 2 10.74 8.37 -1.87
C LYS A 2 10.98 7.17 -2.78
N GLY A 3 11.15 7.42 -4.08
CA GLY A 3 11.33 6.37 -5.09
C GLY A 3 12.34 5.26 -4.76
N PRO A 4 13.58 5.64 -4.42
CA PRO A 4 14.57 4.62 -4.08
C PRO A 4 14.22 3.76 -2.86
N ALA A 5 13.54 4.33 -1.87
CA ALA A 5 13.08 3.57 -0.69
C ALA A 5 12.05 2.51 -1.11
N PHE A 6 11.09 2.94 -1.94
CA PHE A 6 10.09 2.01 -2.51
CA PHE A 6 10.10 2.01 -2.50
C PHE A 6 10.77 0.93 -3.36
N GLU A 7 11.74 1.34 -4.19
CA GLU A 7 12.50 0.40 -5.01
C GLU A 7 13.13 -0.70 -4.13
N PHE A 8 13.82 -0.27 -3.08
CA PHE A 8 14.42 -1.20 -2.12
C PHE A 8 13.39 -2.07 -1.43
N ALA A 9 12.30 -1.44 -0.97
CA ALA A 9 11.25 -2.15 -0.24
C ALA A 9 10.63 -3.27 -1.06
N VAL A 10 10.28 -2.98 -2.32
CA VAL A 10 9.63 -3.99 -3.16
C VAL A 10 10.53 -5.20 -3.41
N ALA A 11 11.81 -4.94 -3.71
CA ALA A 11 12.79 -6.02 -3.93
C ALA A 11 12.98 -6.87 -2.67
N MET A 12 13.04 -6.21 -1.52
CA MET A 12 13.21 -6.91 -0.24
C MET A 12 12.03 -7.82 0.07
N MET A 13 10.83 -7.29 -0.09
CA MET A 13 9.62 -8.06 0.20
C MET A 13 9.50 -9.25 -0.72
N LYS A 14 9.79 -9.05 -2.00
CA LYS A 14 9.74 -10.13 -3.00
C LYS A 14 10.64 -11.31 -2.64
N ARG A 15 11.85 -11.03 -2.15
CA ARG A 15 12.83 -12.08 -1.83
C ARG A 15 12.68 -12.69 -0.44
N ASN A 16 12.31 -11.88 0.54
CA ASN A 16 12.40 -12.26 1.95
C ASN A 16 11.11 -12.26 2.77
N ALA A 17 10.02 -11.69 2.27
CA ALA A 17 8.80 -11.57 3.07
C ALA A 17 7.76 -12.61 2.69
N SER A 18 6.94 -13.00 3.66
CA SER A 18 5.79 -13.87 3.44
C SER A 18 4.61 -13.48 4.31
N THR A 19 3.46 -14.09 4.05
CA THR A 19 2.24 -13.90 4.82
C THR A 19 2.12 -15.07 5.78
N VAL A 20 1.92 -14.78 7.06
CA VAL A 20 1.85 -15.80 8.09
C VAL A 20 0.55 -15.70 8.89
N LYS A 21 -0.09 -16.85 9.12
CA LYS A 21 -1.21 -16.92 10.05
C LYS A 21 -0.83 -17.75 11.25
N THR A 22 -1.12 -17.22 12.42
CA THR A 22 -1.03 -17.93 13.68
C THR A 22 -2.44 -17.99 14.26
N GLU A 23 -2.57 -18.54 15.46
CA GLU A 23 -3.86 -18.54 16.16
C GLU A 23 -4.33 -17.13 16.57
N TYR A 24 -3.41 -16.15 16.58
CA TYR A 24 -3.70 -14.77 17.01
C TYR A 24 -3.91 -13.77 15.88
N GLY A 25 -3.77 -14.21 14.64
CA GLY A 25 -4.09 -13.37 13.49
C GLY A 25 -3.20 -13.63 12.30
N GLU A 26 -3.18 -12.64 11.41
CA GLU A 26 -2.43 -12.72 10.16
C GLU A 26 -1.40 -11.60 10.15
N PHE A 27 -0.15 -11.94 9.79
CA PHE A 27 0.99 -11.03 9.91
C PHE A 27 1.88 -11.09 8.68
N THR A 28 2.60 -10.00 8.43
CA THR A 28 3.71 -10.00 7.50
C THR A 28 4.91 -10.60 8.26
N MET A 29 5.68 -11.48 7.62
CA MET A 29 6.86 -12.09 8.24
C MET A 29 8.08 -11.86 7.36
N LEU A 30 9.18 -11.40 7.96
CA LEU A 30 10.43 -11.19 7.23
C LEU A 30 11.45 -12.27 7.60
N GLY A 31 11.92 -13.00 6.59
CA GLY A 31 13.05 -13.92 6.75
C GLY A 31 14.36 -13.13 6.76
N ILE A 32 15.28 -13.53 7.63
CA ILE A 32 16.50 -12.76 7.88
C ILE A 32 17.75 -13.49 7.36
N TYR A 33 17.93 -14.73 7.77
CA TYR A 33 19.04 -15.57 7.28
C TYR A 33 18.76 -17.03 7.66
N ASP A 34 19.41 -17.95 6.94
CA ASP A 34 19.20 -19.38 7.17
CA ASP A 34 19.19 -19.39 7.15
C ASP A 34 17.68 -19.69 7.23
N ARG A 35 17.16 -20.20 8.36
CA ARG A 35 15.75 -20.50 8.48
C ARG A 35 15.12 -19.63 9.57
N TRP A 36 15.81 -18.55 9.95
CA TRP A 36 15.36 -17.64 11.01
C TRP A 36 14.59 -16.48 10.40
N ALA A 37 13.37 -16.26 10.90
CA ALA A 37 12.51 -15.15 10.51
C ALA A 37 12.11 -14.37 11.75
N VAL A 38 11.42 -13.25 11.54
CA VAL A 38 10.97 -12.40 12.64
C VAL A 38 9.49 -12.08 12.50
N LEU A 39 8.80 -12.07 13.65
CA LEU A 39 7.39 -11.68 13.78
C LEU A 39 7.24 -10.72 14.95
N PRO A 40 6.16 -9.92 14.97
CA PRO A 40 5.81 -9.23 16.22
C PRO A 40 5.56 -10.23 17.33
N ARG A 41 5.95 -9.89 18.55
CA ARG A 41 5.78 -10.79 19.69
C ARG A 41 4.32 -11.24 19.85
N HIS A 42 3.38 -10.32 19.64
CA HIS A 42 1.97 -10.65 19.82
C HIS A 42 1.38 -11.61 18.77
N ALA A 43 2.14 -11.95 17.72
CA ALA A 43 1.78 -13.06 16.82
C ALA A 43 1.77 -14.42 17.53
N LYS A 44 2.61 -14.56 18.56
CA LYS A 44 2.62 -15.75 19.41
C LYS A 44 2.54 -17.06 18.62
N PRO A 45 3.54 -17.30 17.74
CA PRO A 45 3.51 -18.51 16.90
C PRO A 45 3.51 -19.78 17.76
N GLY A 46 2.71 -20.75 17.35
CA GLY A 46 2.68 -22.07 17.97
C GLY A 46 3.64 -23.01 17.26
N PRO A 47 3.51 -24.33 17.49
CA PRO A 47 4.41 -25.29 16.83
C PRO A 47 4.26 -25.38 15.31
N THR A 48 3.12 -24.98 14.76
CA THR A 48 2.89 -24.88 13.32
C THR A 48 2.33 -23.50 13.00
N ILE A 49 2.78 -22.92 11.89
CA ILE A 49 2.20 -21.70 11.34
C ILE A 49 1.70 -21.97 9.93
N LEU A 50 0.84 -21.10 9.42
CA LEU A 50 0.52 -21.09 8.00
C LEU A 50 1.40 -20.03 7.36
N MET A 51 2.23 -20.44 6.40
CA MET A 51 3.15 -19.54 5.70
C MET A 51 2.80 -19.58 4.22
N ASN A 52 2.28 -18.46 3.70
CA ASN A 52 1.74 -18.39 2.35
C ASN A 52 0.71 -19.51 2.08
N ASP A 53 -0.21 -19.68 3.02
CA ASP A 53 -1.29 -20.68 2.98
C ASP A 53 -0.84 -22.15 3.00
N GLN A 54 0.35 -22.42 3.53
CA GLN A 54 0.87 -23.78 3.66
C GLN A 54 1.37 -23.99 5.08
N GLU A 55 1.10 -25.17 5.65
CA GLU A 55 1.53 -25.51 6.99
C GLU A 55 3.05 -25.68 7.06
N VAL A 56 3.67 -24.97 8.01
CA VAL A 56 5.11 -25.03 8.23
C VAL A 56 5.36 -25.19 9.73
N GLY A 57 6.22 -26.14 10.09
CA GLY A 57 6.58 -26.35 11.48
C GLY A 57 7.54 -25.29 11.99
N VAL A 58 7.44 -25.00 13.27
CA VAL A 58 8.36 -24.11 13.96
C VAL A 58 9.27 -24.98 14.81
N LEU A 59 10.58 -24.89 14.54
CA LEU A 59 11.59 -25.67 15.26
C LEU A 59 12.02 -25.00 16.55
N ASP A 60 12.04 -23.67 16.55
CA ASP A 60 12.43 -22.91 17.73
C ASP A 60 11.88 -21.48 17.62
N ALA A 61 11.63 -20.87 18.77
CA ALA A 61 11.13 -19.50 18.84
C ALA A 61 11.76 -18.79 20.03
N LYS A 62 12.09 -17.51 19.86
CA LYS A 62 12.72 -16.70 20.90
C LYS A 62 12.00 -15.36 21.00
N GLU A 63 11.40 -15.10 22.16
CA GLU A 63 10.77 -13.81 22.44
C GLU A 63 11.84 -12.89 23.03
N LEU A 64 12.27 -11.91 22.23
CA LEU A 64 13.45 -11.12 22.53
C LEU A 64 13.22 -10.11 23.66
N VAL A 65 14.21 -10.03 24.54
CA VAL A 65 14.27 -9.00 25.58
C VAL A 65 15.68 -8.45 25.63
N ASP A 66 15.80 -7.23 26.12
CA ASP A 66 17.11 -6.59 26.29
C ASP A 66 17.83 -7.24 27.48
N LYS A 67 19.14 -6.99 27.63
CA LYS A 67 19.90 -7.52 28.77
C LYS A 67 19.32 -7.15 30.15
N ASP A 68 18.62 -6.02 30.23
CA ASP A 68 17.86 -5.62 31.43
C ASP A 68 16.51 -6.35 31.64
N GLY A 69 16.09 -7.15 30.65
CA GLY A 69 14.82 -7.88 30.71
C GLY A 69 13.64 -7.17 30.06
N THR A 70 13.85 -5.96 29.54
CA THR A 70 12.75 -5.19 28.95
C THR A 70 12.32 -5.78 27.62
N ASN A 71 11.02 -5.84 27.42
CA ASN A 71 10.40 -6.33 26.20
C ASN A 71 10.87 -5.56 24.96
N LEU A 72 11.17 -6.30 23.89
CA LEU A 72 11.47 -5.70 22.59
C LEU A 72 10.36 -5.88 21.54
N GLU A 73 9.34 -6.67 21.88
CA GLU A 73 8.14 -6.87 21.05
C GLU A 73 8.44 -7.59 19.72
N LEU A 74 9.47 -8.42 19.74
CA LEU A 74 9.87 -9.23 18.59
C LEU A 74 10.03 -10.69 19.00
N THR A 75 9.61 -11.58 18.10
CA THR A 75 9.83 -13.00 18.25
C THR A 75 10.60 -13.48 17.03
N LEU A 76 11.75 -14.11 17.28
CA LEU A 76 12.50 -14.79 16.23
C LEU A 76 12.03 -16.23 16.19
N LEU A 77 11.82 -16.76 14.99
CA LEU A 77 11.36 -18.14 14.86
C LEU A 77 12.12 -18.87 13.76
N LYS A 78 12.43 -20.12 14.02
CA LYS A 78 13.17 -20.97 13.08
C LYS A 78 12.17 -21.92 12.42
N LEU A 79 12.18 -21.96 11.09
CA LEU A 79 11.16 -22.63 10.31
C LEU A 79 11.64 -23.98 9.82
N ASN A 80 10.74 -24.97 9.89
CA ASN A 80 11.03 -26.31 9.43
C ASN A 80 10.82 -26.40 7.92
N ARG A 81 11.76 -25.85 7.16
CA ARG A 81 11.72 -25.86 5.70
C ARG A 81 13.14 -25.98 5.16
N ASN A 82 13.29 -26.61 4.00
CA ASN A 82 14.60 -26.86 3.40
CA ASN A 82 14.64 -26.84 3.46
C ASN A 82 15.22 -25.58 2.84
N GLU A 83 14.40 -24.76 2.20
CA GLU A 83 14.87 -23.49 1.61
C GLU A 83 15.38 -22.55 2.70
N LYS A 84 16.52 -21.93 2.43
CA LYS A 84 17.08 -20.90 3.29
C LYS A 84 16.66 -19.52 2.78
N PHE A 85 16.56 -18.56 3.70
CA PHE A 85 16.32 -17.18 3.31
C PHE A 85 17.61 -16.58 2.77
N ARG A 86 17.47 -15.62 1.85
CA ARG A 86 18.58 -14.76 1.47
C ARG A 86 19.04 -14.01 2.71
N ASP A 87 20.35 -14.02 2.97
CA ASP A 87 20.92 -13.41 4.17
C ASP A 87 20.87 -11.88 4.03
N ILE A 88 19.98 -11.24 4.79
CA ILE A 88 19.83 -9.78 4.74
C ILE A 88 20.36 -9.08 6.00
N ARG A 89 21.20 -9.75 6.79
CA ARG A 89 21.72 -9.13 8.01
C ARG A 89 22.56 -7.88 7.73
N GLY A 90 23.20 -7.83 6.56
CA GLY A 90 23.94 -6.66 6.12
C GLY A 90 23.12 -5.41 5.86
N PHE A 91 21.80 -5.58 5.71
CA PHE A 91 20.85 -4.46 5.56
C PHE A 91 20.26 -3.98 6.89
N LEU A 92 20.64 -4.61 8.01
CA LEU A 92 20.23 -4.20 9.34
C LEU A 92 21.27 -3.27 9.94
N ALA A 93 20.81 -2.21 10.60
CA ALA A 93 21.70 -1.28 11.30
C ALA A 93 22.18 -1.89 12.61
N ARG A 94 23.34 -1.45 13.08
CA ARG A 94 23.89 -1.89 14.35
C ARG A 94 23.28 -1.15 15.54
N GLU A 95 22.81 0.07 15.30
CA GLU A 95 22.06 0.83 16.29
C GLU A 95 20.78 1.39 15.67
N GLU A 96 19.93 1.97 16.51
CA GLU A 96 18.63 2.51 16.09
C GLU A 96 18.87 3.68 15.14
N VAL A 97 18.22 3.64 13.97
CA VAL A 97 18.38 4.65 12.94
C VAL A 97 17.12 5.50 12.83
N GLU A 98 17.31 6.82 12.79
CA GLU A 98 16.27 7.76 12.42
C GLU A 98 16.45 8.15 10.94
N VAL A 99 15.35 8.33 10.23
CA VAL A 99 15.37 8.74 8.83
C VAL A 99 14.29 9.76 8.56
N ASN A 100 14.48 10.56 7.51
CA ASN A 100 13.49 11.53 7.07
C ASN A 100 12.41 10.90 6.20
N GLU A 101 12.77 9.83 5.48
CA GLU A 101 11.84 9.14 4.57
C GLU A 101 11.91 7.63 4.78
N ALA A 102 10.81 7.04 5.23
CA ALA A 102 10.69 5.59 5.32
C ALA A 102 9.47 5.10 4.58
N VAL A 103 9.49 3.81 4.24
CA VAL A 103 8.35 3.13 3.65
C VAL A 103 8.01 1.92 4.50
N LEU A 104 6.72 1.76 4.80
CA LEU A 104 6.23 0.59 5.50
C LEU A 104 5.60 -0.35 4.48
N ALA A 105 6.06 -1.60 4.45
CA ALA A 105 5.57 -2.62 3.50
C ALA A 105 4.77 -3.66 4.25
N ILE A 106 3.54 -3.90 3.79
CA ILE A 106 2.61 -4.86 4.39
C ILE A 106 2.25 -5.89 3.33
N ASN A 107 2.18 -7.16 3.72
CA ASN A 107 1.70 -8.19 2.81
C ASN A 107 0.95 -9.30 3.54
N THR A 108 -0.36 -9.12 3.63
CA THR A 108 -1.27 -10.15 4.15
C THR A 108 -2.40 -10.30 3.16
N SER A 109 -3.29 -11.26 3.43
CA SER A 109 -4.50 -11.42 2.62
C SER A 109 -5.43 -10.21 2.70
N LYS A 110 -5.40 -9.47 3.81
CA LYS A 110 -6.19 -8.23 3.94
C LYS A 110 -5.51 -6.98 3.35
N PHE A 111 -4.18 -6.95 3.34
CA PHE A 111 -3.41 -5.85 2.77
C PHE A 111 -2.34 -6.42 1.85
N PRO A 112 -2.73 -6.91 0.65
CA PRO A 112 -1.75 -7.55 -0.22
C PRO A 112 -0.85 -6.57 -0.98
N ASN A 113 0.46 -6.77 -0.85
CA ASN A 113 1.48 -5.99 -1.57
CA ASN A 113 1.51 -5.98 -1.52
C ASN A 113 1.28 -4.47 -1.46
N MET A 114 1.10 -3.97 -0.24
CA MET A 114 0.88 -2.55 -0.02
C MET A 114 2.09 -1.87 0.61
N TYR A 115 2.38 -0.67 0.14
CA TYR A 115 3.53 0.11 0.59
C TYR A 115 3.03 1.50 0.95
N ILE A 116 3.46 2.00 2.12
CA ILE A 116 2.99 3.26 2.66
C ILE A 116 4.19 4.18 2.90
N PRO A 117 4.19 5.38 2.28
CA PRO A 117 5.23 6.34 2.60
C PRO A 117 4.91 7.00 3.94
N VAL A 118 5.67 6.65 4.97
CA VAL A 118 5.35 7.09 6.34
C VAL A 118 6.05 8.38 6.76
N GLY A 119 7.01 8.84 5.95
CA GLY A 119 7.77 10.04 6.27
C GLY A 119 8.81 9.77 7.34
N GLN A 120 8.91 10.72 8.27
CA GLN A 120 9.98 10.76 9.25
C GLN A 120 9.81 9.71 10.35
N VAL A 121 10.91 9.03 10.68
CA VAL A 121 10.95 8.05 11.75
C VAL A 121 11.76 8.62 12.91
N THR A 122 11.16 8.58 14.10
CA THR A 122 11.78 9.09 15.32
C THR A 122 11.96 7.96 16.33
N ASP A 123 13.15 7.92 16.93
CA ASP A 123 13.48 6.93 17.93
C ASP A 123 12.95 7.42 19.30
N TYR A 124 11.87 6.80 19.76
CA TYR A 124 11.29 7.15 21.06
C TYR A 124 11.90 6.36 22.23
N GLY A 125 12.61 5.29 21.92
CA GLY A 125 13.26 4.46 22.92
C GLY A 125 12.27 3.71 23.78
N PHE A 126 12.33 3.99 25.08
CA PHE A 126 11.46 3.35 26.06
CA PHE A 126 11.44 3.35 26.06
C PHE A 126 10.04 3.94 25.98
N LEU A 127 9.05 3.08 25.70
CA LEU A 127 7.62 3.46 25.66
C LEU A 127 6.80 2.44 26.44
N ASN A 128 5.53 2.78 26.69
CA ASN A 128 4.56 1.83 27.22
C ASN A 128 3.54 1.42 26.14
N LEU A 129 3.71 0.21 25.59
CA LEU A 129 2.80 -0.34 24.57
C LEU A 129 1.70 -1.18 25.21
N GLY A 130 0.52 -0.56 25.40
CA GLY A 130 -0.65 -1.24 25.93
C GLY A 130 -0.41 -1.95 27.26
N GLY A 131 0.22 -1.22 28.18
CA GLY A 131 0.56 -1.75 29.51
C GLY A 131 1.98 -2.29 29.66
N THR A 132 2.61 -2.71 28.55
CA THR A 132 3.92 -3.36 28.57
C THR A 132 5.04 -2.35 28.26
N PRO A 133 5.96 -2.12 29.22
CA PRO A 133 7.14 -1.30 28.93
C PRO A 133 7.97 -1.96 27.81
N THR A 134 8.30 -1.18 26.77
CA THR A 134 9.01 -1.71 25.61
C THR A 134 10.04 -0.68 25.16
N LYS A 135 11.21 -1.15 24.73
CA LYS A 135 12.26 -0.23 24.31
C LYS A 135 12.61 -0.38 22.83
N ARG A 136 13.47 0.52 22.36
CA ARG A 136 13.89 0.62 20.96
C ARG A 136 12.72 0.80 19.99
N MET A 137 11.79 1.63 20.41
CA MET A 137 10.57 1.92 19.63
C MET A 137 10.81 3.05 18.64
N LEU A 138 10.53 2.76 17.36
CA LEU A 138 10.58 3.73 16.29
C LEU A 138 9.17 4.17 15.99
N VAL A 139 8.96 5.47 15.83
CA VAL A 139 7.63 6.04 15.74
C VAL A 139 7.53 6.91 14.50
N TYR A 140 6.37 6.83 13.84
CA TYR A 140 6.10 7.54 12.59
C TYR A 140 4.61 7.84 12.51
N ASN A 141 4.24 8.92 11.82
CA ASN A 141 2.84 9.24 11.62
C ASN A 141 2.22 8.24 10.66
N PHE A 142 1.05 7.74 11.00
CA PHE A 142 0.43 6.66 10.24
C PHE A 142 -1.01 6.47 10.71
N PRO A 143 -2.02 6.72 9.84
CA PRO A 143 -3.39 6.31 10.18
C PRO A 143 -3.51 4.78 10.27
N THR A 144 -3.16 4.24 11.44
CA THR A 144 -2.95 2.80 11.61
C THR A 144 -4.24 2.01 11.70
N ARG A 145 -4.21 0.82 11.11
CA ARG A 145 -5.28 -0.15 11.21
C ARG A 145 -4.68 -1.48 11.65
N ALA A 146 -5.47 -2.30 12.34
CA ALA A 146 -5.03 -3.64 12.74
C ALA A 146 -4.91 -4.55 11.51
N GLY A 147 -4.06 -5.56 11.60
CA GLY A 147 -3.70 -6.42 10.47
C GLY A 147 -2.45 -5.99 9.74
N GLN A 148 -1.79 -4.93 10.22
CA GLN A 148 -0.58 -4.40 9.62
C GLN A 148 0.69 -4.81 10.39
N CYS A 149 0.52 -5.52 11.50
CA CYS A 149 1.68 -5.91 12.32
C CYS A 149 2.52 -6.95 11.60
N GLY A 150 3.82 -6.81 11.77
CA GLY A 150 4.79 -7.58 11.00
C GLY A 150 5.26 -6.81 9.78
N GLY A 151 4.55 -5.73 9.44
CA GLY A 151 4.98 -4.81 8.39
C GLY A 151 6.43 -4.45 8.55
N VAL A 152 7.11 -4.26 7.44
CA VAL A 152 8.55 -4.07 7.45
C VAL A 152 8.80 -2.61 7.14
N LEU A 153 9.47 -1.92 8.07
CA LEU A 153 9.81 -0.51 7.92
C LEU A 153 11.19 -0.41 7.27
N MET A 154 11.29 0.31 6.16
CA MET A 154 12.53 0.40 5.38
C MET A 154 12.83 1.80 4.92
N SER A 155 14.11 2.07 4.71
CA SER A 155 14.56 3.25 3.99
C SER A 155 15.47 2.75 2.87
N THR A 156 15.99 3.66 2.07
CA THR A 156 16.90 3.27 0.99
C THR A 156 18.08 2.47 1.58
N GLY A 157 18.19 1.22 1.19
CA GLY A 157 19.28 0.36 1.61
C GLY A 157 19.27 -0.18 3.03
N LYS A 158 18.21 0.07 3.81
CA LYS A 158 18.15 -0.41 5.20
C LYS A 158 16.77 -0.97 5.59
N VAL A 159 16.77 -2.09 6.29
CA VAL A 159 15.58 -2.56 6.99
C VAL A 159 15.71 -2.00 8.40
N LEU A 160 14.76 -1.14 8.78
CA LEU A 160 14.83 -0.40 10.04
C LEU A 160 14.13 -1.10 11.19
N GLY A 161 13.00 -1.73 10.90
CA GLY A 161 12.22 -2.30 11.97
C GLY A 161 11.01 -3.08 11.53
N ILE A 162 10.27 -3.58 12.51
CA ILE A 162 9.07 -4.37 12.29
C ILE A 162 7.92 -3.68 12.98
N HIS A 163 6.83 -3.46 12.25
CA HIS A 163 5.65 -2.76 12.76
C HIS A 163 4.91 -3.62 13.77
N VAL A 164 4.77 -3.10 14.99
CA VAL A 164 4.18 -3.86 16.12
C VAL A 164 2.94 -3.22 16.74
N GLY A 165 2.53 -2.06 16.27
CA GLY A 165 1.38 -1.41 16.87
C GLY A 165 1.07 -0.06 16.28
N GLY A 166 -0.10 0.44 16.65
CA GLY A 166 -0.56 1.74 16.22
C GLY A 166 -1.65 2.20 17.15
N ASN A 167 -1.95 3.49 17.09
CA ASN A 167 -3.04 4.08 17.87
C ASN A 167 -4.03 4.89 17.02
N GLY A 168 -3.98 4.70 15.70
CA GLY A 168 -4.80 5.48 14.76
C GLY A 168 -4.15 6.75 14.24
N HIS A 169 -3.09 7.22 14.90
CA HIS A 169 -2.37 8.44 14.49
C HIS A 169 -0.88 8.17 14.25
N GLN A 170 -0.24 7.46 15.18
CA GLN A 170 1.15 7.03 15.04
C GLN A 170 1.21 5.53 14.86
N GLY A 171 2.25 5.07 14.16
CA GLY A 171 2.62 3.66 14.10
C GLY A 171 3.93 3.45 14.84
N PHE A 172 4.13 2.21 15.29
CA PHE A 172 5.26 1.84 16.13
C PHE A 172 5.98 0.65 15.55
N SER A 173 7.29 0.76 15.36
CA SER A 173 8.14 -0.38 14.98
C SER A 173 9.19 -0.68 16.03
N ALA A 174 9.42 -1.98 16.23
CA ALA A 174 10.57 -2.45 16.99
C ALA A 174 11.79 -2.38 16.08
N ALA A 175 12.86 -1.73 16.54
CA ALA A 175 14.07 -1.63 15.73
C ALA A 175 14.64 -3.02 15.48
N LEU A 176 15.05 -3.30 14.24
CA LEU A 176 15.58 -4.62 13.89
C LEU A 176 17.10 -4.54 13.82
N LEU A 177 17.74 -4.71 14.97
CA LEU A 177 19.19 -4.53 15.10
C LEU A 177 19.98 -5.79 14.71
N ARG A 178 21.15 -5.57 14.13
CA ARG A 178 21.94 -6.67 13.54
C ARG A 178 22.38 -7.72 14.56
N HIS A 179 22.74 -7.27 15.76
CA HIS A 179 23.23 -8.18 16.82
C HIS A 179 22.18 -9.17 17.34
N TYR A 180 20.89 -8.93 17.07
CA TYR A 180 19.85 -9.91 17.37
C TYR A 180 20.05 -11.23 16.61
N PHE A 181 20.79 -11.19 15.49
CA PHE A 181 21.01 -12.36 14.64
C PHE A 181 22.47 -12.84 14.59
N ASN A 182 23.19 -12.67 15.70
CA ASN A 182 24.53 -13.25 15.85
C ASN A 182 24.51 -14.77 15.71
N MET B 1 12.68 -0.56 -13.45
CA MET B 1 12.67 0.19 -12.16
C MET B 1 11.26 0.61 -11.78
N LYS B 2 10.89 0.37 -10.52
CA LYS B 2 9.60 0.77 -9.97
C LYS B 2 9.61 2.13 -9.26
N GLY B 3 10.80 2.58 -8.85
CA GLY B 3 10.93 3.83 -8.09
C GLY B 3 10.30 5.05 -8.73
N PRO B 4 10.59 5.28 -10.03
CA PRO B 4 10.00 6.44 -10.70
C PRO B 4 8.46 6.49 -10.65
N ALA B 5 7.81 5.34 -10.83
CA ALA B 5 6.35 5.28 -10.74
C ALA B 5 5.84 5.64 -9.35
N PHE B 6 6.50 5.12 -8.31
CA PHE B 6 6.13 5.43 -6.92
CA PHE B 6 6.12 5.43 -6.92
C PHE B 6 6.34 6.91 -6.60
N GLU B 7 7.49 7.45 -7.01
CA GLU B 7 7.82 8.87 -6.78
C GLU B 7 6.74 9.78 -7.40
N PHE B 8 6.40 9.51 -8.65
CA PHE B 8 5.35 10.23 -9.36
C PHE B 8 3.98 10.09 -8.67
N ALA B 9 3.63 8.86 -8.29
CA ALA B 9 2.34 8.57 -7.67
C ALA B 9 2.13 9.32 -6.36
N VAL B 10 3.13 9.27 -5.48
CA VAL B 10 3.03 9.91 -4.17
C VAL B 10 2.85 11.43 -4.33
N ALA B 11 3.64 12.03 -5.22
CA ALA B 11 3.54 13.47 -5.51
C ALA B 11 2.16 13.85 -6.05
N MET B 12 1.66 13.05 -6.98
CA MET B 12 0.34 13.26 -7.58
C MET B 12 -0.79 13.20 -6.55
N MET B 13 -0.78 12.17 -5.72
CA MET B 13 -1.84 11.96 -4.73
C MET B 13 -1.88 13.09 -3.69
N LYS B 14 -0.69 13.50 -3.23
CA LYS B 14 -0.55 14.62 -2.29
C LYS B 14 -1.25 15.89 -2.78
N ARG B 15 -1.11 16.17 -4.07
CA ARG B 15 -1.59 17.43 -4.67
C ARG B 15 -3.02 17.36 -5.19
N ASN B 16 -3.41 16.22 -5.79
CA ASN B 16 -4.66 16.12 -6.55
C ASN B 16 -5.71 15.12 -6.07
N ALA B 17 -5.36 14.24 -5.13
CA ALA B 17 -6.28 13.19 -4.70
C ALA B 17 -6.98 13.54 -3.38
N SER B 18 -8.20 13.01 -3.24
CA SER B 18 -8.98 13.12 -2.01
C SER B 18 -9.74 11.82 -1.76
N THR B 19 -10.32 11.72 -0.57
CA THR B 19 -11.17 10.60 -0.18
C THR B 19 -12.61 11.07 -0.24
N VAL B 20 -13.46 10.35 -0.98
CA VAL B 20 -14.84 10.75 -1.21
C VAL B 20 -15.80 9.67 -0.74
N LYS B 21 -16.92 10.09 -0.14
CA LYS B 21 -18.03 9.18 0.14
C LYS B 21 -19.25 9.63 -0.65
N THR B 22 -19.91 8.66 -1.28
CA THR B 22 -21.22 8.86 -1.88
C THR B 22 -22.17 7.89 -1.17
N GLU B 23 -23.41 7.84 -1.64
CA GLU B 23 -24.39 6.87 -1.13
C GLU B 23 -24.03 5.40 -1.44
N TYR B 24 -23.06 5.18 -2.33
CA TYR B 24 -22.69 3.84 -2.79
C TYR B 24 -21.28 3.40 -2.42
N GLY B 25 -20.59 4.16 -1.56
CA GLY B 25 -19.31 3.72 -1.04
C GLY B 25 -18.33 4.83 -0.74
N GLU B 26 -17.11 4.40 -0.44
CA GLU B 26 -16.00 5.30 -0.18
C GLU B 26 -14.97 5.06 -1.27
N PHE B 27 -14.49 6.16 -1.86
CA PHE B 27 -13.65 6.08 -3.07
C PHE B 27 -12.48 7.03 -2.99
N THR B 28 -11.39 6.64 -3.61
CA THR B 28 -10.32 7.57 -3.95
C THR B 28 -10.85 8.43 -5.11
N MET B 29 -10.58 9.73 -5.08
CA MET B 29 -10.99 10.64 -6.16
C MET B 29 -9.82 11.52 -6.61
N LEU B 30 -9.60 11.58 -7.92
CA LEU B 30 -8.55 12.40 -8.49
C LEU B 30 -9.13 13.67 -9.13
N GLY B 31 -8.65 14.83 -8.69
CA GLY B 31 -8.93 16.10 -9.35
C GLY B 31 -8.02 16.27 -10.55
N ILE B 32 -8.59 16.79 -11.64
CA ILE B 32 -7.90 16.84 -12.94
C ILE B 32 -7.48 18.26 -13.32
N TYR B 33 -8.43 19.18 -13.30
CA TYR B 33 -8.18 20.59 -13.57
C TYR B 33 -9.39 21.40 -13.13
N ASP B 34 -9.18 22.68 -12.85
CA ASP B 34 -10.28 23.59 -12.50
C ASP B 34 -11.05 22.98 -11.29
N ARG B 35 -12.35 22.73 -11.43
CA ARG B 35 -13.15 22.11 -10.36
C ARG B 35 -13.67 20.74 -10.81
N TRP B 36 -13.03 20.16 -11.83
CA TRP B 36 -13.43 18.88 -12.42
C TRP B 36 -12.59 17.74 -11.86
N ALA B 37 -13.28 16.69 -11.41
CA ALA B 37 -12.65 15.50 -10.87
C ALA B 37 -13.25 14.28 -11.55
N VAL B 38 -12.71 13.11 -11.25
CA VAL B 38 -13.18 11.86 -11.84
C VAL B 38 -13.38 10.81 -10.76
N LEU B 39 -14.46 10.03 -10.92
CA LEU B 39 -14.78 8.88 -10.09
C LEU B 39 -15.16 7.70 -10.97
N PRO B 40 -15.08 6.48 -10.43
CA PRO B 40 -15.71 5.37 -11.15
C PRO B 40 -17.21 5.59 -11.28
N ARG B 41 -17.80 5.12 -12.37
CA ARG B 41 -19.23 5.29 -12.59
C ARG B 41 -20.07 4.73 -11.45
N HIS B 42 -19.68 3.58 -10.89
CA HIS B 42 -20.49 2.96 -9.82
C HIS B 42 -20.53 3.74 -8.50
N ALA B 43 -19.67 4.76 -8.34
CA ALA B 43 -19.79 5.70 -7.21
C ALA B 43 -21.08 6.53 -7.28
N LYS B 44 -21.61 6.74 -8.48
CA LYS B 44 -22.90 7.40 -8.69
C LYS B 44 -23.11 8.62 -7.78
N PRO B 45 -22.23 9.65 -7.93
CA PRO B 45 -22.30 10.83 -7.06
C PRO B 45 -23.64 11.58 -7.18
N GLY B 46 -24.21 11.93 -6.03
CA GLY B 46 -25.44 12.70 -5.97
C GLY B 46 -25.17 14.20 -6.03
N PRO B 47 -26.18 15.03 -5.71
CA PRO B 47 -26.00 16.49 -5.65
C PRO B 47 -24.98 16.99 -4.63
N THR B 48 -24.70 16.19 -3.60
CA THR B 48 -23.67 16.46 -2.61
C THR B 48 -22.82 15.20 -2.40
N ILE B 49 -21.52 15.40 -2.23
CA ILE B 49 -20.59 14.33 -1.83
C ILE B 49 -19.90 14.74 -0.54
N LEU B 50 -19.34 13.77 0.17
CA LEU B 50 -18.39 14.08 1.25
C LEU B 50 -16.99 13.97 0.66
N MET B 51 -16.22 15.05 0.74
CA MET B 51 -14.86 15.11 0.24
C MET B 51 -13.94 15.44 1.41
N ASN B 52 -13.10 14.48 1.81
CA ASN B 52 -12.31 14.56 3.05
C ASN B 52 -13.17 14.96 4.26
N ASP B 53 -14.27 14.23 4.46
CA ASP B 53 -15.24 14.44 5.56
C ASP B 53 -15.99 15.79 5.58
N GLN B 54 -16.00 16.50 4.45
CA GLN B 54 -16.68 17.79 4.31
C GLN B 54 -17.68 17.72 3.17
N GLU B 55 -18.89 18.23 3.39
CA GLU B 55 -19.90 18.28 2.34
C GLU B 55 -19.52 19.24 1.21
N VAL B 56 -19.58 18.75 -0.03
CA VAL B 56 -19.29 19.55 -1.22
C VAL B 56 -20.40 19.34 -2.24
N GLY B 57 -20.88 20.44 -2.82
CA GLY B 57 -21.92 20.40 -3.83
C GLY B 57 -21.35 20.01 -5.19
N VAL B 58 -22.15 19.28 -5.96
CA VAL B 58 -21.79 18.86 -7.31
C VAL B 58 -22.58 19.73 -8.28
N LEU B 59 -21.86 20.55 -9.05
CA LEU B 59 -22.47 21.48 -10.01
C LEU B 59 -22.91 20.78 -11.30
N ASP B 60 -22.10 19.84 -11.76
CA ASP B 60 -22.42 19.05 -12.96
C ASP B 60 -21.80 17.66 -12.82
N ALA B 61 -22.38 16.68 -13.53
CA ALA B 61 -21.81 15.34 -13.64
C ALA B 61 -22.06 14.77 -15.03
N LYS B 62 -21.09 14.03 -15.55
CA LYS B 62 -21.16 13.43 -16.88
C LYS B 62 -20.65 12.00 -16.82
N GLU B 63 -21.54 11.04 -17.09
CA GLU B 63 -21.17 9.63 -17.21
C GLU B 63 -20.63 9.40 -18.62
N LEU B 64 -19.34 9.08 -18.72
CA LEU B 64 -18.68 9.01 -20.02
C LEU B 64 -19.06 7.78 -20.82
N VAL B 65 -19.37 8.00 -22.09
CA VAL B 65 -19.64 6.94 -23.06
C VAL B 65 -18.85 7.26 -24.32
N ASP B 66 -18.44 6.22 -25.05
CA ASP B 66 -17.67 6.42 -26.27
C ASP B 66 -18.64 6.83 -27.39
N LYS B 67 -18.09 7.24 -28.53
CA LYS B 67 -18.90 7.63 -29.70
C LYS B 67 -19.94 6.55 -30.08
N ASP B 68 -19.54 5.28 -30.03
CA ASP B 68 -20.44 4.15 -30.33
C ASP B 68 -21.50 3.83 -29.25
N GLY B 69 -21.53 4.61 -28.16
CA GLY B 69 -22.49 4.41 -27.07
C GLY B 69 -21.98 3.59 -25.89
N THR B 70 -20.85 2.91 -26.06
CA THR B 70 -20.34 1.97 -25.06
C THR B 70 -19.89 2.69 -23.79
N ASN B 71 -20.28 2.11 -22.65
CA ASN B 71 -19.87 2.55 -21.31
C ASN B 71 -18.35 2.64 -21.18
N LEU B 72 -17.85 3.71 -20.60
CA LEU B 72 -16.43 3.84 -20.27
C LEU B 72 -16.15 3.69 -18.75
N GLU B 73 -17.21 3.58 -17.95
CA GLU B 73 -17.13 3.31 -16.50
C GLU B 73 -16.47 4.45 -15.71
N LEU B 74 -16.60 5.67 -16.22
CA LEU B 74 -16.06 6.87 -15.57
C LEU B 74 -17.16 7.90 -15.48
N THR B 75 -17.17 8.63 -14.38
CA THR B 75 -18.02 9.80 -14.23
C THR B 75 -17.16 11.00 -13.90
N LEU B 76 -17.31 12.07 -14.67
CA LEU B 76 -16.68 13.35 -14.38
C LEU B 76 -17.66 14.18 -13.59
N LEU B 77 -17.15 14.93 -12.61
CA LEU B 77 -18.00 15.76 -11.77
C LEU B 77 -17.33 17.10 -11.48
N LYS B 78 -18.12 18.16 -11.60
CA LYS B 78 -17.68 19.52 -11.32
C LYS B 78 -18.11 19.89 -9.91
N LEU B 79 -17.17 20.37 -9.10
CA LEU B 79 -17.39 20.58 -7.66
C LEU B 79 -17.58 22.06 -7.32
N ASN B 80 -18.46 22.31 -6.35
CA ASN B 80 -18.73 23.66 -5.87
C ASN B 80 -17.80 24.00 -4.71
N ARG B 81 -16.59 24.40 -5.07
CA ARG B 81 -15.56 24.82 -4.12
C ARG B 81 -14.70 25.89 -4.78
N ASN B 82 -14.17 26.82 -3.98
CA ASN B 82 -13.40 27.94 -4.52
C ASN B 82 -12.01 27.55 -4.99
N GLU B 83 -11.44 26.51 -4.38
CA GLU B 83 -10.11 26.01 -4.72
C GLU B 83 -10.13 25.30 -6.07
N LYS B 84 -9.18 25.61 -6.94
CA LYS B 84 -8.98 24.89 -8.20
C LYS B 84 -7.99 23.74 -7.98
N PHE B 85 -8.15 22.66 -8.74
CA PHE B 85 -7.16 21.59 -8.77
C PHE B 85 -5.97 22.05 -9.60
N ARG B 86 -4.78 21.58 -9.25
CA ARG B 86 -3.62 21.72 -10.12
C ARG B 86 -3.94 21.01 -11.44
N ASP B 87 -3.70 21.69 -12.56
CA ASP B 87 -4.00 21.15 -13.88
C ASP B 87 -3.01 20.03 -14.22
N ILE B 88 -3.50 18.79 -14.23
CA ILE B 88 -2.67 17.62 -14.52
C ILE B 88 -3.02 16.96 -15.86
N ARG B 89 -3.72 17.67 -16.74
CA ARG B 89 -4.10 17.12 -18.04
C ARG B 89 -2.87 16.81 -18.92
N GLY B 90 -1.77 17.54 -18.69
CA GLY B 90 -0.50 17.25 -19.34
C GLY B 90 0.09 15.87 -19.06
N PHE B 91 -0.35 15.22 -17.98
CA PHE B 91 0.08 13.87 -17.61
C PHE B 91 -0.85 12.74 -18.12
N LEU B 92 -1.91 13.12 -18.84
CA LEU B 92 -2.82 12.15 -19.46
C LEU B 92 -2.39 11.83 -20.88
N ALA B 93 -2.41 10.55 -21.23
CA ALA B 93 -2.11 10.11 -22.60
C ALA B 93 -3.27 10.46 -23.54
N ARG B 94 -2.94 10.68 -24.81
CA ARG B 94 -3.96 10.93 -25.83
C ARG B 94 -4.66 9.65 -26.28
N GLU B 95 -3.93 8.53 -26.24
CA GLU B 95 -4.51 7.21 -26.51
C GLU B 95 -4.02 6.20 -25.47
N GLU B 96 -4.59 5.00 -25.51
CA GLU B 96 -4.20 3.92 -24.60
C GLU B 96 -2.70 3.68 -24.75
N VAL B 97 -2.01 3.63 -23.61
CA VAL B 97 -0.57 3.37 -23.60
C VAL B 97 -0.30 2.24 -22.61
N GLU B 98 0.65 1.38 -22.98
CA GLU B 98 1.05 0.24 -22.18
C GLU B 98 2.38 0.58 -21.56
N VAL B 99 2.58 0.14 -20.30
CA VAL B 99 3.84 0.41 -19.60
C VAL B 99 4.36 -0.84 -18.89
N ASN B 100 5.67 -0.85 -18.67
CA ASN B 100 6.35 -1.94 -18.00
C ASN B 100 6.10 -2.00 -16.48
N GLU B 101 5.98 -0.84 -15.85
CA GLU B 101 5.83 -0.74 -14.38
C GLU B 101 4.83 0.36 -14.04
N ALA B 102 3.80 -0.01 -13.28
CA ALA B 102 2.81 0.94 -12.81
C ALA B 102 2.55 0.74 -11.33
N VAL B 103 1.99 1.78 -10.72
CA VAL B 103 1.60 1.78 -9.32
C VAL B 103 0.12 2.16 -9.23
N LEU B 104 -0.62 1.43 -8.40
CA LEU B 104 -2.01 1.77 -8.07
C LEU B 104 -2.05 2.44 -6.70
N ALA B 105 -2.58 3.66 -6.66
CA ALA B 105 -2.60 4.50 -5.46
C ALA B 105 -4.01 4.60 -4.92
N ILE B 106 -4.20 4.19 -3.66
CA ILE B 106 -5.49 4.16 -2.98
C ILE B 106 -5.41 5.07 -1.76
N ASN B 107 -6.46 5.86 -1.51
CA ASN B 107 -6.54 6.61 -0.26
C ASN B 107 -7.97 6.68 0.28
N THR B 108 -8.33 5.67 1.06
CA THR B 108 -9.63 5.61 1.75
C THR B 108 -9.39 5.23 3.20
N SER B 109 -10.44 5.20 4.00
CA SER B 109 -10.32 4.79 5.40
C SER B 109 -9.86 3.35 5.53
N LYS B 110 -10.28 2.48 4.62
CA LYS B 110 -9.86 1.09 4.59
C LYS B 110 -8.39 0.94 4.19
N PHE B 111 -7.99 1.69 3.16
CA PHE B 111 -6.63 1.66 2.62
C PHE B 111 -6.04 3.07 2.59
N PRO B 112 -5.63 3.60 3.75
CA PRO B 112 -5.09 4.96 3.78
C PRO B 112 -3.65 5.05 3.26
N ASN B 113 -3.45 5.91 2.27
CA ASN B 113 -2.13 6.24 1.74
C ASN B 113 -1.34 5.00 1.29
N MET B 114 -2.02 4.11 0.56
CA MET B 114 -1.41 2.85 0.16
C MET B 114 -1.10 2.81 -1.34
N TYR B 115 0.05 2.22 -1.66
CA TYR B 115 0.57 2.16 -3.03
C TYR B 115 0.94 0.72 -3.35
N ILE B 116 0.46 0.24 -4.50
CA ILE B 116 0.60 -1.16 -4.89
C ILE B 116 1.36 -1.22 -6.20
N PRO B 117 2.54 -1.90 -6.23
CA PRO B 117 3.21 -2.10 -7.51
C PRO B 117 2.51 -3.19 -8.29
N VAL B 118 1.86 -2.80 -9.39
CA VAL B 118 1.06 -3.76 -10.17
C VAL B 118 1.80 -4.31 -11.38
N GLY B 119 3.06 -3.90 -11.58
CA GLY B 119 3.82 -4.34 -12.73
C GLY B 119 3.30 -3.79 -14.04
N GLN B 120 3.24 -4.67 -15.03
CA GLN B 120 2.94 -4.30 -16.40
C GLN B 120 1.47 -3.95 -16.61
N VAL B 121 1.21 -2.83 -17.28
CA VAL B 121 -0.15 -2.45 -17.67
C VAL B 121 -0.27 -2.61 -19.18
N THR B 122 -1.31 -3.32 -19.61
CA THR B 122 -1.55 -3.54 -21.03
C THR B 122 -2.98 -3.18 -21.40
N ASP B 123 -3.18 -2.97 -22.70
CA ASP B 123 -4.45 -2.55 -23.25
C ASP B 123 -5.28 -3.80 -23.50
N TYR B 124 -6.22 -4.07 -22.61
CA TYR B 124 -7.11 -5.23 -22.72
C TYR B 124 -8.22 -4.92 -23.72
N GLY B 125 -8.84 -3.76 -23.56
CA GLY B 125 -9.82 -3.23 -24.51
C GLY B 125 -11.23 -3.49 -24.04
N PHE B 126 -11.96 -4.30 -24.80
CA PHE B 126 -13.35 -4.62 -24.46
C PHE B 126 -13.45 -5.59 -23.29
N LEU B 127 -14.37 -5.31 -22.38
CA LEU B 127 -14.66 -6.20 -21.27
C LEU B 127 -16.13 -6.12 -20.89
N ASN B 128 -16.74 -7.28 -20.65
CA ASN B 128 -18.06 -7.34 -20.05
C ASN B 128 -17.89 -7.18 -18.53
N LEU B 129 -18.03 -5.95 -18.05
CA LEU B 129 -17.78 -5.60 -16.66
C LEU B 129 -19.09 -5.69 -15.88
N GLY B 130 -19.28 -6.79 -15.17
CA GLY B 130 -20.47 -7.02 -14.35
C GLY B 130 -21.79 -6.94 -15.12
N GLY B 131 -21.81 -7.55 -16.31
CA GLY B 131 -22.99 -7.51 -17.20
C GLY B 131 -23.07 -6.35 -18.18
N THR B 132 -22.26 -5.30 -17.98
CA THR B 132 -22.29 -4.11 -18.84
C THR B 132 -21.10 -4.15 -19.81
N PRO B 133 -21.37 -4.08 -21.14
CA PRO B 133 -20.28 -3.94 -22.12
C PRO B 133 -19.49 -2.65 -21.87
N THR B 134 -18.16 -2.76 -21.79
CA THR B 134 -17.30 -1.63 -21.45
C THR B 134 -16.04 -1.66 -22.31
N LYS B 135 -15.52 -0.49 -22.64
CA LYS B 135 -14.36 -0.33 -23.52
C LYS B 135 -13.23 0.41 -22.82
N ARG B 136 -12.06 0.39 -23.46
CA ARG B 136 -10.86 1.09 -23.03
C ARG B 136 -10.36 0.63 -21.65
N MET B 137 -10.46 -0.67 -21.41
CA MET B 137 -9.97 -1.27 -20.16
C MET B 137 -8.48 -1.56 -20.24
N LEU B 138 -7.76 -1.13 -19.21
CA LEU B 138 -6.37 -1.48 -19.00
C LEU B 138 -6.33 -2.60 -17.99
N VAL B 139 -5.41 -3.55 -18.16
CA VAL B 139 -5.31 -4.71 -17.28
C VAL B 139 -3.93 -4.84 -16.66
N TYR B 140 -3.90 -5.34 -15.44
CA TYR B 140 -2.67 -5.54 -14.68
C TYR B 140 -2.92 -6.61 -13.65
N ASN B 141 -1.86 -7.27 -13.18
CA ASN B 141 -2.00 -8.38 -12.24
C ASN B 141 -1.45 -8.07 -10.87
N PHE B 142 -2.31 -8.24 -9.86
CA PHE B 142 -1.95 -8.14 -8.45
C PHE B 142 -3.09 -8.74 -7.62
N PRO B 143 -2.86 -9.06 -6.33
CA PRO B 143 -3.94 -9.63 -5.52
C PRO B 143 -4.99 -8.58 -5.17
N THR B 144 -6.07 -8.57 -5.95
CA THR B 144 -7.07 -7.51 -5.87
C THR B 144 -7.86 -7.61 -4.57
N ARG B 145 -8.39 -6.48 -4.10
CA ARG B 145 -9.25 -6.44 -2.92
C ARG B 145 -10.37 -5.41 -3.09
N ALA B 146 -11.52 -5.72 -2.50
CA ALA B 146 -12.63 -4.76 -2.40
C ALA B 146 -12.19 -3.47 -1.71
N GLY B 147 -12.66 -2.34 -2.23
CA GLY B 147 -12.40 -1.02 -1.67
C GLY B 147 -11.34 -0.23 -2.42
N GLN B 148 -10.85 -0.78 -3.53
CA GLN B 148 -9.77 -0.17 -4.31
C GLN B 148 -10.30 0.59 -5.53
N CYS B 149 -11.60 0.47 -5.79
CA CYS B 149 -12.20 1.14 -6.95
C CYS B 149 -12.09 2.68 -6.75
N GLY B 150 -11.72 3.38 -7.81
CA GLY B 150 -11.34 4.79 -7.73
C GLY B 150 -9.83 5.00 -7.60
N GLY B 151 -9.10 3.97 -7.20
CA GLY B 151 -7.65 4.02 -7.11
C GLY B 151 -7.04 4.52 -8.40
N VAL B 152 -5.94 5.26 -8.28
CA VAL B 152 -5.34 5.94 -9.42
C VAL B 152 -4.15 5.13 -9.92
N LEU B 153 -4.21 4.72 -11.20
CA LEU B 153 -3.16 3.93 -11.81
C LEU B 153 -2.18 4.86 -12.50
N MET B 154 -0.90 4.77 -12.10
CA MET B 154 0.12 5.68 -12.60
C MET B 154 1.43 5.00 -12.96
N SER B 155 2.18 5.62 -13.85
CA SER B 155 3.54 5.23 -14.15
C SER B 155 4.35 6.50 -14.21
N THR B 156 5.66 6.38 -14.46
CA THR B 156 6.50 7.55 -14.53
C THR B 156 5.92 8.59 -15.49
N GLY B 157 5.69 9.80 -14.99
CA GLY B 157 5.14 10.89 -15.78
C GLY B 157 3.76 10.70 -16.38
N LYS B 158 2.98 9.75 -15.89
CA LYS B 158 1.69 9.44 -16.51
C LYS B 158 0.63 9.05 -15.50
N VAL B 159 -0.55 9.67 -15.60
CA VAL B 159 -1.74 9.14 -14.96
C VAL B 159 -2.44 8.31 -16.04
N LEU B 160 -2.50 6.99 -15.83
CA LEU B 160 -2.95 6.04 -16.84
C LEU B 160 -4.45 5.79 -16.77
N GLY B 161 -5.00 5.69 -15.56
CA GLY B 161 -6.39 5.28 -15.42
C GLY B 161 -6.91 5.28 -14.01
N ILE B 162 -8.19 4.92 -13.90
CA ILE B 162 -8.89 4.81 -12.63
C ILE B 162 -9.35 3.36 -12.49
N HIS B 163 -9.02 2.75 -11.36
CA HIS B 163 -9.34 1.36 -11.08
C HIS B 163 -10.85 1.19 -10.91
N VAL B 164 -11.44 0.29 -11.69
CA VAL B 164 -12.91 0.08 -11.69
C VAL B 164 -13.37 -1.35 -11.44
N GLY B 165 -12.44 -2.28 -11.30
CA GLY B 165 -12.81 -3.68 -11.27
C GLY B 165 -11.63 -4.58 -10.93
N GLY B 166 -11.93 -5.63 -10.19
CA GLY B 166 -10.93 -6.62 -9.81
C GLY B 166 -11.58 -7.96 -9.58
N ASN B 167 -10.87 -9.02 -9.97
CA ASN B 167 -11.27 -10.38 -9.63
C ASN B 167 -10.04 -11.29 -9.64
N GLY B 168 -9.82 -12.00 -8.54
CA GLY B 168 -8.65 -12.84 -8.37
C GLY B 168 -7.37 -12.01 -8.36
N HIS B 169 -6.50 -12.28 -9.33
CA HIS B 169 -5.27 -11.50 -9.50
C HIS B 169 -5.30 -10.65 -10.77
N GLN B 170 -6.49 -10.26 -11.21
CA GLN B 170 -6.67 -9.48 -12.43
C GLN B 170 -7.41 -8.17 -12.07
N GLY B 171 -6.74 -7.04 -12.25
CA GLY B 171 -7.32 -5.72 -11.99
C GLY B 171 -7.53 -4.96 -13.28
N PHE B 172 -8.56 -4.10 -13.30
CA PHE B 172 -8.93 -3.33 -14.49
C PHE B 172 -9.13 -1.84 -14.21
N SER B 173 -8.54 -1.00 -15.06
CA SER B 173 -8.73 0.45 -15.01
C SER B 173 -9.38 0.96 -16.28
N ALA B 174 -10.21 1.98 -16.12
CA ALA B 174 -10.70 2.77 -17.24
C ALA B 174 -9.60 3.75 -17.63
N ALA B 175 -9.19 3.73 -18.91
CA ALA B 175 -8.13 4.62 -19.38
C ALA B 175 -8.59 6.06 -19.25
N LEU B 176 -7.71 6.91 -18.72
CA LEU B 176 -8.03 8.30 -18.49
C LEU B 176 -7.41 9.13 -19.61
N LEU B 177 -8.16 9.29 -20.70
CA LEU B 177 -7.63 9.92 -21.92
C LEU B 177 -7.80 11.43 -21.89
N ARG B 178 -6.83 12.10 -22.51
CA ARG B 178 -6.71 13.55 -22.47
C ARG B 178 -7.95 14.27 -23.00
N HIS B 179 -8.50 13.78 -24.10
CA HIS B 179 -9.64 14.44 -24.75
C HIS B 179 -10.96 14.38 -23.95
N TYR B 180 -11.03 13.56 -22.90
CA TYR B 180 -12.16 13.62 -21.97
C TYR B 180 -12.29 14.95 -21.23
N PHE B 181 -11.20 15.73 -21.16
CA PHE B 181 -11.15 16.97 -20.38
C PHE B 181 -10.82 18.22 -21.22
N ASN B 182 -11.25 18.25 -22.48
CA ASN B 182 -11.03 19.42 -23.35
C ASN B 182 -11.86 20.64 -22.92
#